data_1TA4
#
_entry.id   1TA4
#
_cell.length_a   113.769
_cell.length_b   54.843
_cell.length_c   57.487
_cell.angle_alpha   90.00
_cell.angle_beta   90.00
_cell.angle_gamma   90.00
#
_symmetry.space_group_name_H-M   'P 21 21 2'
#
loop_
_entity.id
_entity.type
_entity.pdbx_description
1 polymer 'Aspartate-semialdehyde dehydrogenase'
2 non-polymer ARSENATE
3 water water
#
_entity_poly.entity_id   1
_entity_poly.type   'polypeptide(L)'
_entity_poly.pdbx_seq_one_letter_code
;MKNVGFIGWRGMVGSVLMDRMSQENDFENLNPVFFTTSQAGQKAPVFGGKDAGDLKSAFDIEELKKLDIIVTCQGGDYTN
EVYPKLKATGWDGYWVDAASALRMKDDAIIVLDPVNQHVISEGLKKGIKTFVGGNCTVSLMLMAIGGLFEKDLVEWISVA
TYQAASGAGAKNMRELLSQMGLLEQAVSSELKDPASSILDIERKVTAKMRADNFPTDNFGAALGGSLIPWIDKLLPETGQ
TKEEWKGYAETNKILGLSDNPIPVDGLCVRIGALRCHSQAFTIKLKKDLPLEEIEQIIASHNEWVKVIPNDKEITLRELT
PAKVTGTLSVPVGRLRKLAMGPEYLAAFTVGDQLLWGAAEPVRRILKQLVA
;
_entity_poly.pdbx_strand_id   A
#
loop_
_chem_comp.id
_chem_comp.type
_chem_comp.name
_chem_comp.formula
ART non-polymer ARSENATE 'As O4 -3'
#
# COMPACT_ATOMS: atom_id res chain seq x y z
N MET A 1 6.21 -16.40 26.40
CA MET A 1 5.67 -15.54 25.31
C MET A 1 6.39 -14.22 25.28
N LYS A 2 6.78 -13.80 24.08
CA LYS A 2 7.51 -12.55 23.93
C LYS A 2 6.62 -11.35 24.25
N ASN A 3 7.21 -10.33 24.87
CA ASN A 3 6.49 -9.13 25.26
C ASN A 3 6.56 -8.12 24.13
N VAL A 4 5.38 -7.68 23.67
CA VAL A 4 5.27 -6.78 22.55
C VAL A 4 4.54 -5.46 22.82
N GLY A 5 5.20 -4.37 22.48
CA GLY A 5 4.58 -3.07 22.66
C GLY A 5 3.95 -2.61 21.38
N PHE A 6 2.82 -1.91 21.49
CA PHE A 6 2.12 -1.40 20.32
C PHE A 6 1.98 0.10 20.43
N ILE A 7 2.37 0.80 19.36
CA ILE A 7 2.31 2.24 19.31
C ILE A 7 1.51 2.65 18.08
N GLY A 8 0.76 3.75 18.19
CA GLY A 8 -0.05 4.21 17.08
C GLY A 8 -1.08 3.18 16.67
N TRP A 9 -1.62 2.46 17.65
CA TRP A 9 -2.62 1.42 17.39
C TRP A 9 -4.02 1.95 17.32
N ARG A 10 -4.20 3.24 17.58
CA ARG A 10 -5.53 3.84 17.53
C ARG A 10 -5.75 4.61 16.25
N GLY A 11 -4.71 4.70 15.43
CA GLY A 11 -4.82 5.41 14.17
C GLY A 11 -5.54 4.50 13.19
N MET A 12 -5.65 4.93 11.94
CA MET A 12 -6.31 4.12 10.92
C MET A 12 -5.54 2.81 10.63
N VAL A 13 -4.27 2.93 10.28
CA VAL A 13 -3.44 1.75 10.01
C VAL A 13 -3.39 0.84 11.24
N GLY A 14 -3.15 1.47 12.40
CA GLY A 14 -3.11 0.73 13.65
C GLY A 14 -4.44 0.02 13.93
N SER A 15 -5.55 0.73 13.73
CA SER A 15 -6.87 0.16 13.98
C SER A 15 -7.15 -1.08 13.12
N VAL A 16 -6.64 -1.08 11.88
CA VAL A 16 -6.83 -2.20 10.98
C VAL A 16 -5.96 -3.38 11.41
N LEU A 17 -4.81 -3.10 11.99
CA LEU A 17 -3.91 -4.13 12.48
C LEU A 17 -4.58 -4.83 13.66
N MET A 18 -5.12 -4.05 14.57
CA MET A 18 -5.79 -4.57 15.75
C MET A 18 -6.92 -5.52 15.38
N ASP A 19 -7.79 -5.07 14.47
CA ASP A 19 -8.92 -5.88 14.05
C ASP A 19 -8.48 -7.16 13.37
N ARG A 20 -7.52 -7.03 12.46
CA ARG A 20 -6.99 -8.19 11.76
C ARG A 20 -6.34 -9.14 12.75
N MET A 21 -5.61 -8.58 13.71
CA MET A 21 -4.93 -9.39 14.74
C MET A 21 -5.98 -10.11 15.58
N SER A 22 -7.02 -9.38 15.95
CA SER A 22 -8.07 -9.97 16.75
C SER A 22 -8.76 -11.09 15.96
N GLN A 23 -9.09 -10.82 14.70
CA GLN A 23 -9.73 -11.80 13.82
C GLN A 23 -8.95 -13.11 13.71
N GLU A 24 -7.62 -13.03 13.82
CA GLU A 24 -6.76 -14.21 13.70
C GLU A 24 -6.27 -14.71 15.06
N ASN A 25 -6.74 -14.05 16.11
CA ASN A 25 -6.36 -14.38 17.49
C ASN A 25 -4.85 -14.37 17.69
N ASP A 26 -4.25 -13.26 17.29
CA ASP A 26 -2.82 -13.09 17.38
C ASP A 26 -2.39 -12.74 18.79
N PHE A 27 -3.28 -12.15 19.56
CA PHE A 27 -2.94 -11.79 20.92
C PHE A 27 -2.78 -13.01 21.84
N GLU A 28 -3.23 -14.16 21.38
CA GLU A 28 -3.11 -15.37 22.18
C GLU A 28 -1.69 -15.88 22.34
N ASN A 29 -0.80 -15.52 21.41
CA ASN A 29 0.58 -16.00 21.47
C ASN A 29 1.63 -14.95 21.85
N LEU A 30 1.20 -13.84 22.44
CA LEU A 30 2.14 -12.79 22.83
C LEU A 30 1.63 -12.00 24.02
N ASN A 31 2.54 -11.22 24.62
CA ASN A 31 2.24 -10.39 25.78
C ASN A 31 2.18 -8.95 25.27
N PRO A 32 0.98 -8.43 25.03
CA PRO A 32 0.78 -7.07 24.53
C PRO A 32 0.78 -5.95 25.55
N VAL A 33 1.57 -4.93 25.26
CA VAL A 33 1.65 -3.73 26.08
C VAL A 33 1.31 -2.57 25.15
N PHE A 34 0.35 -1.74 25.54
CA PHE A 34 -0.05 -0.63 24.70
C PHE A 34 0.41 0.73 25.21
N PHE A 35 0.95 1.53 24.29
CA PHE A 35 1.45 2.87 24.61
C PHE A 35 0.59 3.94 24.00
N THR A 36 0.85 5.18 24.38
CA THR A 36 0.12 6.33 23.88
C THR A 36 0.96 7.58 24.02
N THR A 37 0.62 8.60 23.23
CA THR A 37 1.32 9.88 23.27
C THR A 37 0.51 10.85 24.15
N SER A 38 -0.68 10.44 24.54
CA SER A 38 -1.54 11.28 25.36
C SER A 38 -1.07 11.40 26.80
N GLN A 39 -1.55 12.45 27.46
CA GLN A 39 -1.26 12.70 28.87
C GLN A 39 -2.61 12.74 29.57
N ALA A 40 -3.55 11.97 29.03
CA ALA A 40 -4.89 11.87 29.60
C ALA A 40 -4.84 11.00 30.84
N LEU A 55 -2.30 2.53 30.51
CA LEU A 55 -1.25 2.22 29.50
C LEU A 55 -0.04 3.13 29.65
N LYS A 56 1.12 2.68 29.16
CA LYS A 56 2.37 3.45 29.27
C LYS A 56 2.49 4.61 28.28
N SER A 57 3.64 5.27 28.34
CA SER A 57 3.93 6.39 27.46
C SER A 57 4.85 5.93 26.34
N ALA A 58 4.45 6.20 25.10
CA ALA A 58 5.24 5.81 23.94
C ALA A 58 6.59 6.49 23.91
N PHE A 59 6.80 7.45 24.82
CA PHE A 59 8.05 8.19 24.88
C PHE A 59 8.94 7.74 26.04
N ASP A 60 8.45 6.80 26.84
CA ASP A 60 9.19 6.29 28.00
C ASP A 60 10.19 5.21 27.56
N ILE A 61 11.37 5.65 27.13
CA ILE A 61 12.40 4.75 26.64
C ILE A 61 12.70 3.55 27.52
N GLU A 62 12.61 3.71 28.84
CA GLU A 62 12.89 2.59 29.72
C GLU A 62 11.79 1.53 29.67
N GLU A 63 10.53 1.98 29.57
CA GLU A 63 9.40 1.06 29.48
C GLU A 63 9.50 0.27 28.18
N LEU A 64 9.98 0.94 27.13
CA LEU A 64 10.14 0.33 25.82
C LEU A 64 11.28 -0.67 25.85
N LYS A 65 12.31 -0.35 26.62
CA LYS A 65 13.49 -1.20 26.75
C LYS A 65 13.15 -2.59 27.28
N LYS A 66 12.11 -2.67 28.09
CA LYS A 66 11.70 -3.96 28.66
C LYS A 66 11.02 -4.89 27.66
N LEU A 67 10.55 -4.31 26.56
CA LEU A 67 9.86 -5.09 25.53
C LEU A 67 10.79 -5.90 24.64
N ASP A 68 10.31 -7.05 24.18
CA ASP A 68 11.08 -7.91 23.30
C ASP A 68 10.89 -7.42 21.87
N ILE A 69 9.70 -6.90 21.59
CA ILE A 69 9.33 -6.40 20.28
C ILE A 69 8.46 -5.14 20.36
N ILE A 70 8.69 -4.22 19.44
CA ILE A 70 7.90 -3.01 19.36
C ILE A 70 7.30 -2.93 17.96
N VAL A 71 6.02 -2.59 17.91
CA VAL A 71 5.30 -2.45 16.64
C VAL A 71 4.68 -1.06 16.59
N THR A 72 5.18 -0.23 15.66
CA THR A 72 4.69 1.14 15.50
C THR A 72 3.93 1.38 14.22
N CYS A 73 2.83 2.10 14.35
CA CYS A 73 2.00 2.50 13.22
C CYS A 73 1.78 3.97 13.48
N GLN A 74 2.60 4.52 14.38
CA GLN A 74 2.53 5.92 14.79
C GLN A 74 2.97 6.94 13.72
N GLY A 75 4.02 6.62 12.97
CA GLY A 75 4.47 7.54 11.93
C GLY A 75 5.96 7.84 11.98
N GLY A 76 6.49 8.24 10.82
CA GLY A 76 7.91 8.54 10.68
C GLY A 76 8.51 9.44 11.74
N ASP A 77 7.79 10.51 12.10
CA ASP A 77 8.28 11.44 13.10
C ASP A 77 8.56 10.71 14.40
N TYR A 78 7.57 9.98 14.92
CA TYR A 78 7.75 9.24 16.17
C TYR A 78 9.00 8.37 16.06
N THR A 79 9.12 7.66 14.95
CA THR A 79 10.24 6.76 14.72
C THR A 79 11.61 7.44 14.76
N ASN A 80 11.76 8.54 14.04
CA ASN A 80 13.04 9.22 14.00
C ASN A 80 13.45 9.84 15.33
N GLU A 81 12.48 10.04 16.21
CA GLU A 81 12.78 10.62 17.52
C GLU A 81 13.04 9.56 18.60
N VAL A 82 12.27 8.48 18.58
CA VAL A 82 12.40 7.41 19.58
C VAL A 82 13.39 6.30 19.25
N TYR A 83 13.25 5.69 18.07
CA TYR A 83 14.13 4.60 17.65
C TYR A 83 15.62 4.81 17.94
N PRO A 84 16.17 5.97 17.54
CA PRO A 84 17.59 6.21 17.81
C PRO A 84 17.94 6.18 19.29
N LYS A 85 17.17 6.89 20.11
CA LYS A 85 17.39 6.92 21.54
C LYS A 85 17.33 5.52 22.13
N LEU A 86 16.35 4.73 21.68
CA LEU A 86 16.16 3.37 22.17
C LEU A 86 17.30 2.43 21.77
N LYS A 87 17.63 2.37 20.49
CA LYS A 87 18.71 1.51 20.04
C LYS A 87 20.01 1.95 20.69
N ALA A 88 20.04 3.21 21.15
CA ALA A 88 21.21 3.77 21.80
C ALA A 88 21.45 3.12 23.16
N THR A 89 20.38 2.92 23.91
CA THR A 89 20.48 2.30 25.24
C THR A 89 21.02 0.88 25.17
N GLY A 90 21.18 0.35 23.96
CA GLY A 90 21.68 -1.00 23.80
C GLY A 90 20.58 -2.01 23.56
N TRP A 91 19.33 -1.56 23.64
CA TRP A 91 18.15 -2.41 23.42
C TRP A 91 18.39 -3.39 22.28
N ASP A 92 18.26 -4.68 22.58
CA ASP A 92 18.49 -5.74 21.60
C ASP A 92 17.22 -6.27 20.93
N GLY A 93 16.08 -5.63 21.22
CA GLY A 93 14.82 -6.09 20.64
C GLY A 93 14.58 -5.86 19.17
N TYR A 94 13.40 -6.27 18.71
CA TYR A 94 12.97 -6.13 17.32
C TYR A 94 12.06 -4.92 17.14
N TRP A 95 12.38 -4.08 16.16
CA TRP A 95 11.58 -2.90 15.88
C TRP A 95 10.78 -3.13 14.60
N VAL A 96 9.45 -3.17 14.75
CA VAL A 96 8.57 -3.37 13.60
C VAL A 96 7.86 -2.05 13.32
N ASP A 97 8.06 -1.54 12.11
CA ASP A 97 7.51 -0.27 11.71
C ASP A 97 6.70 -0.34 10.41
N ALA A 98 5.66 0.48 10.33
CA ALA A 98 4.83 0.52 9.13
C ALA A 98 5.23 1.78 8.35
N ALA A 99 5.88 2.72 9.05
CA ALA A 99 6.31 3.97 8.43
C ALA A 99 7.49 3.73 7.51
N SER A 100 7.71 4.65 6.58
CA SER A 100 8.80 4.53 5.62
C SER A 100 10.17 4.93 6.19
N ALA A 101 10.15 5.73 7.25
CA ALA A 101 11.38 6.22 7.88
C ALA A 101 12.63 5.34 7.77
N LEU A 102 12.52 4.05 8.07
CA LEU A 102 13.70 3.19 8.06
C LEU A 102 13.86 2.17 6.95
N ARG A 103 12.94 2.14 6.00
CA ARG A 103 12.98 1.18 4.90
C ARG A 103 14.29 0.94 4.17
N MET A 104 15.03 2.00 3.88
CA MET A 104 16.28 1.83 3.14
C MET A 104 17.54 1.54 3.94
N LYS A 105 17.51 1.85 5.23
CA LYS A 105 18.67 1.60 6.10
C LYS A 105 19.32 0.24 5.82
N ASP A 106 20.62 0.15 6.07
CA ASP A 106 21.39 -1.08 5.86
C ASP A 106 20.96 -2.23 6.76
N ASP A 107 20.62 -1.92 8.01
CA ASP A 107 20.22 -2.94 8.97
C ASP A 107 18.71 -3.21 9.05
N ALA A 108 17.96 -2.72 8.05
CA ALA A 108 16.52 -2.93 8.01
C ALA A 108 16.14 -3.69 6.75
N ILE A 109 15.08 -4.49 6.87
CA ILE A 109 14.58 -5.28 5.75
C ILE A 109 13.13 -4.89 5.51
N ILE A 110 12.72 -4.85 4.24
CA ILE A 110 11.34 -4.51 3.92
C ILE A 110 10.60 -5.84 3.77
N VAL A 111 9.68 -6.10 4.71
CA VAL A 111 8.93 -7.34 4.72
C VAL A 111 7.71 -7.41 3.80
N LEU A 112 7.50 -8.61 3.26
CA LEU A 112 6.37 -8.94 2.39
C LEU A 112 6.52 -10.45 2.22
N ASP A 113 6.62 -11.13 3.35
CA ASP A 113 6.83 -12.57 3.43
C ASP A 113 6.25 -13.47 2.35
N PRO A 114 5.07 -13.12 1.80
CA PRO A 114 4.59 -14.04 0.75
C PRO A 114 5.44 -13.94 -0.50
N VAL A 115 6.20 -12.84 -0.59
CA VAL A 115 7.06 -12.56 -1.72
C VAL A 115 8.54 -12.74 -1.40
N ASN A 116 8.99 -12.19 -0.26
CA ASN A 116 10.40 -12.26 0.11
C ASN A 116 10.70 -12.96 1.42
N GLN A 117 10.05 -14.09 1.66
CA GLN A 117 10.28 -14.84 2.88
C GLN A 117 11.75 -15.20 2.96
N HIS A 118 12.34 -15.62 1.84
CA HIS A 118 13.75 -16.01 1.83
C HIS A 118 14.63 -14.90 2.39
N VAL A 119 14.42 -13.67 1.91
CA VAL A 119 15.20 -12.55 2.39
C VAL A 119 15.01 -12.33 3.88
N ILE A 120 13.78 -12.56 4.36
CA ILE A 120 13.48 -12.36 5.78
C ILE A 120 14.15 -13.43 6.65
N SER A 121 14.08 -14.69 6.22
CA SER A 121 14.70 -15.76 6.98
C SER A 121 16.19 -15.47 7.10
N GLU A 122 16.83 -15.23 5.95
CA GLU A 122 18.24 -14.91 5.92
C GLU A 122 18.56 -13.73 6.82
N GLY A 123 17.69 -12.71 6.79
CA GLY A 123 17.89 -11.54 7.61
C GLY A 123 17.78 -11.81 9.09
N LEU A 124 16.95 -12.78 9.45
CA LEU A 124 16.77 -13.15 10.84
C LEU A 124 18.00 -13.89 11.32
N LYS A 125 18.48 -14.83 10.49
CA LYS A 125 19.66 -15.62 10.82
C LYS A 125 20.94 -14.78 10.85
N LYS A 126 20.87 -13.58 10.27
CA LYS A 126 22.03 -12.69 10.24
C LYS A 126 21.98 -11.67 11.36
N GLY A 127 20.88 -11.67 12.12
CA GLY A 127 20.75 -10.75 13.23
C GLY A 127 20.05 -9.42 13.00
N ILE A 128 19.32 -9.29 11.89
CA ILE A 128 18.61 -8.05 11.62
C ILE A 128 17.52 -7.91 12.68
N LYS A 129 17.37 -6.73 13.26
CA LYS A 129 16.37 -6.50 14.30
C LYS A 129 15.32 -5.44 13.96
N THR A 130 15.34 -4.97 12.72
CA THR A 130 14.39 -3.95 12.29
C THR A 130 13.68 -4.38 11.01
N PHE A 131 12.36 -4.59 11.12
CA PHE A 131 11.58 -4.99 9.96
C PHE A 131 10.51 -3.94 9.66
N VAL A 132 10.56 -3.42 8.44
CA VAL A 132 9.65 -2.36 8.00
C VAL A 132 8.69 -2.78 6.89
N GLY A 133 7.41 -2.48 7.07
CA GLY A 133 6.42 -2.81 6.06
C GLY A 133 6.71 -1.93 4.86
N GLY A 134 6.38 -2.39 3.66
CA GLY A 134 6.67 -1.59 2.49
C GLY A 134 5.56 -0.71 1.95
N ASN A 135 5.93 0.10 0.95
CA ASN A 135 5.03 1.02 0.25
C ASN A 135 3.80 0.30 -0.29
N CYS A 136 2.61 0.83 0.01
CA CYS A 136 1.37 0.20 -0.44
C CYS A 136 1.36 -0.15 -1.92
N THR A 137 1.74 0.79 -2.77
CA THR A 137 1.74 0.57 -4.21
C THR A 137 2.60 -0.61 -4.66
N VAL A 138 3.83 -0.67 -4.15
CA VAL A 138 4.78 -1.73 -4.48
C VAL A 138 4.36 -3.10 -3.95
N SER A 139 3.90 -3.14 -2.71
CA SER A 139 3.48 -4.39 -2.11
C SER A 139 2.29 -4.95 -2.89
N LEU A 140 1.34 -4.08 -3.23
CA LEU A 140 0.17 -4.51 -3.97
C LEU A 140 0.59 -5.03 -5.35
N MET A 141 1.67 -4.46 -5.88
CA MET A 141 2.16 -4.90 -7.17
C MET A 141 2.82 -6.28 -7.07
N LEU A 142 3.70 -6.45 -6.08
CA LEU A 142 4.39 -7.73 -5.89
C LEU A 142 3.43 -8.86 -5.53
N MET A 143 2.44 -8.55 -4.70
CA MET A 143 1.46 -9.56 -4.34
C MET A 143 0.69 -9.99 -5.60
N ALA A 144 0.60 -9.10 -6.58
CA ALA A 144 -0.11 -9.41 -7.81
C ALA A 144 0.68 -10.21 -8.84
N ILE A 145 1.85 -9.70 -9.20
CA ILE A 145 2.68 -10.36 -10.20
C ILE A 145 3.97 -10.90 -9.64
N GLY A 146 3.89 -11.48 -8.44
CA GLY A 146 5.06 -12.05 -7.80
C GLY A 146 5.66 -13.12 -8.68
N GLY A 147 4.82 -14.02 -9.19
CA GLY A 147 5.31 -15.08 -10.05
C GLY A 147 6.37 -14.60 -11.02
N LEU A 148 6.02 -13.63 -11.85
CA LEU A 148 6.96 -13.10 -12.83
C LEU A 148 8.33 -12.79 -12.24
N PHE A 149 8.35 -12.10 -11.10
CA PHE A 149 9.62 -11.76 -10.47
C PHE A 149 10.37 -12.97 -9.89
N GLU A 150 9.63 -14.01 -9.51
CA GLU A 150 10.25 -15.19 -8.94
C GLU A 150 10.96 -16.05 -9.98
N LYS A 151 10.54 -15.91 -11.23
CA LYS A 151 11.14 -16.68 -12.31
C LYS A 151 12.17 -15.82 -13.06
N ASP A 152 12.36 -14.60 -12.59
CA ASP A 152 13.30 -13.66 -13.22
C ASP A 152 12.91 -13.42 -14.66
N LEU A 153 11.61 -13.22 -14.89
CA LEU A 153 11.06 -12.98 -16.22
C LEU A 153 10.70 -11.51 -16.43
N VAL A 154 11.13 -10.64 -15.53
CA VAL A 154 10.81 -9.23 -15.64
C VAL A 154 12.01 -8.35 -15.92
N GLU A 155 12.04 -7.75 -17.12
CA GLU A 155 13.12 -6.88 -17.51
C GLU A 155 12.86 -5.49 -16.93
N TRP A 156 11.62 -5.03 -17.06
CA TRP A 156 11.21 -3.74 -16.52
C TRP A 156 9.67 -3.67 -16.51
N ILE A 157 9.13 -2.66 -15.82
CA ILE A 157 7.69 -2.51 -15.76
C ILE A 157 7.29 -1.05 -15.73
N SER A 158 6.46 -0.62 -16.69
CA SER A 158 5.98 0.75 -16.73
C SER A 158 4.67 0.73 -15.97
N VAL A 159 4.55 1.60 -14.97
CA VAL A 159 3.35 1.62 -14.15
C VAL A 159 2.53 2.91 -14.24
N ALA A 160 1.23 2.76 -14.04
CA ALA A 160 0.32 3.88 -14.02
C ALA A 160 -0.65 3.46 -12.94
N THR A 161 -0.78 4.25 -11.88
CA THR A 161 -1.67 3.91 -10.77
C THR A 161 -2.91 4.78 -10.60
N TYR A 162 -3.91 4.17 -9.96
CA TYR A 162 -5.19 4.78 -9.64
C TYR A 162 -5.31 4.60 -8.12
N GLN A 163 -4.69 5.51 -7.39
CA GLN A 163 -4.64 5.39 -5.93
C GLN A 163 -5.76 5.97 -5.06
N ALA A 164 -6.13 5.20 -4.04
CA ALA A 164 -7.19 5.57 -3.10
C ALA A 164 -6.78 6.66 -2.11
N ALA A 165 -7.77 7.38 -1.58
CA ALA A 165 -7.55 8.45 -0.62
C ALA A 165 -6.98 7.97 0.72
N SER A 166 -7.27 6.72 1.08
CA SER A 166 -6.76 6.17 2.34
C SER A 166 -5.23 6.20 2.44
N GLY A 167 -4.55 6.22 1.29
CA GLY A 167 -3.11 6.26 1.29
C GLY A 167 -2.58 7.59 1.79
N ALA A 168 -3.36 8.65 1.63
CA ALA A 168 -2.95 9.98 2.09
C ALA A 168 -3.41 10.25 3.51
N GLY A 169 -4.44 9.53 3.96
CA GLY A 169 -4.92 9.72 5.32
C GLY A 169 -6.43 9.73 5.51
N ALA A 170 -6.85 9.60 6.77
CA ALA A 170 -8.27 9.58 7.11
C ALA A 170 -9.01 10.89 6.75
N LYS A 171 -8.39 12.05 6.99
CA LYS A 171 -9.05 13.31 6.66
C LYS A 171 -9.20 13.45 5.15
N ASN A 172 -8.30 12.82 4.42
CA ASN A 172 -8.35 12.84 2.98
C ASN A 172 -9.54 12.00 2.47
N MET A 173 -9.90 10.96 3.20
CA MET A 173 -11.05 10.13 2.82
C MET A 173 -12.33 10.92 3.04
N ARG A 174 -12.42 11.58 4.19
CA ARG A 174 -13.58 12.40 4.53
C ARG A 174 -13.72 13.53 3.50
N GLU A 175 -12.58 14.10 3.11
CA GLU A 175 -12.61 15.18 2.14
C GLU A 175 -13.20 14.67 0.83
N LEU A 176 -12.68 13.55 0.34
CA LEU A 176 -13.20 12.97 -0.90
C LEU A 176 -14.72 12.78 -0.80
N LEU A 177 -15.20 12.27 0.33
CA LEU A 177 -16.62 12.03 0.48
C LEU A 177 -17.47 13.30 0.49
N SER A 178 -16.96 14.35 1.11
CA SER A 178 -17.70 15.61 1.17
C SER A 178 -17.77 16.17 -0.25
N GLN A 179 -16.66 16.03 -0.97
CA GLN A 179 -16.59 16.53 -2.33
C GLN A 179 -17.64 15.88 -3.23
N MET A 180 -17.75 14.56 -3.17
CA MET A 180 -18.73 13.86 -3.96
C MET A 180 -20.11 14.34 -3.53
N GLY A 181 -20.27 14.51 -2.22
CA GLY A 181 -21.54 14.94 -1.68
C GLY A 181 -22.00 16.25 -2.29
N LEU A 182 -21.13 17.26 -2.24
CA LEU A 182 -21.45 18.58 -2.76
C LEU A 182 -21.66 18.57 -4.27
N LEU A 183 -20.94 17.71 -4.98
CA LEU A 183 -21.07 17.67 -6.44
C LEU A 183 -22.46 17.19 -6.86
N GLU A 184 -23.04 16.26 -6.12
CA GLU A 184 -24.37 15.77 -6.45
C GLU A 184 -25.42 16.76 -5.95
N GLN A 185 -25.26 17.24 -4.73
CA GLN A 185 -26.20 18.19 -4.17
C GLN A 185 -26.32 19.44 -5.04
N ALA A 186 -25.28 19.73 -5.82
CA ALA A 186 -25.31 20.91 -6.69
C ALA A 186 -26.28 20.77 -7.84
N VAL A 187 -26.71 19.54 -8.10
CA VAL A 187 -27.65 19.27 -9.19
C VAL A 187 -28.69 18.21 -8.78
N SER A 188 -28.92 18.07 -7.48
CA SER A 188 -29.85 17.07 -6.98
C SER A 188 -31.26 17.13 -7.59
N SER A 189 -31.80 18.33 -7.77
CA SER A 189 -33.14 18.43 -8.35
C SER A 189 -33.11 18.09 -9.83
N GLU A 190 -32.13 18.62 -10.55
CA GLU A 190 -32.01 18.35 -11.97
C GLU A 190 -31.84 16.87 -12.28
N LEU A 191 -31.16 16.13 -11.42
CA LEU A 191 -30.96 14.70 -11.66
C LEU A 191 -32.26 13.88 -11.59
N LYS A 192 -33.16 14.28 -10.70
CA LYS A 192 -34.44 13.58 -10.53
C LYS A 192 -35.31 13.79 -11.78
N ASP A 193 -35.11 14.92 -12.44
CA ASP A 193 -35.86 15.25 -13.65
C ASP A 193 -35.33 14.47 -14.85
N PRO A 194 -35.99 13.36 -15.22
CA PRO A 194 -35.59 12.52 -16.35
C PRO A 194 -35.44 13.23 -17.69
N ALA A 195 -35.84 14.48 -17.76
CA ALA A 195 -35.73 15.22 -19.03
C ALA A 195 -34.80 16.43 -18.98
N SER A 196 -34.17 16.68 -17.84
CA SER A 196 -33.26 17.82 -17.70
C SER A 196 -32.03 17.72 -18.62
N SER A 197 -31.45 18.88 -18.93
CA SER A 197 -30.26 18.99 -19.76
C SER A 197 -29.00 18.46 -19.09
N ILE A 198 -28.32 17.53 -19.75
CA ILE A 198 -27.10 16.97 -19.19
C ILE A 198 -25.98 18.01 -19.20
N LEU A 199 -25.98 18.89 -20.19
CA LEU A 199 -24.95 19.94 -20.28
C LEU A 199 -25.09 20.99 -19.17
N ASP A 200 -26.32 21.43 -18.90
CA ASP A 200 -26.54 22.40 -17.83
C ASP A 200 -26.09 21.84 -16.50
N ILE A 201 -26.37 20.55 -16.28
CA ILE A 201 -26.01 19.85 -15.06
C ILE A 201 -24.49 19.83 -14.88
N GLU A 202 -23.78 19.51 -15.95
CA GLU A 202 -22.34 19.44 -15.91
C GLU A 202 -21.76 20.83 -15.61
N ARG A 203 -22.36 21.86 -16.20
CA ARG A 203 -21.89 23.23 -15.98
C ARG A 203 -21.93 23.55 -14.49
N LYS A 204 -23.01 23.15 -13.84
CA LYS A 204 -23.22 23.39 -12.42
C LYS A 204 -22.26 22.65 -11.51
N VAL A 205 -22.12 21.34 -11.69
CA VAL A 205 -21.23 20.52 -10.87
C VAL A 205 -19.79 21.02 -11.02
N THR A 206 -19.41 21.34 -12.25
CA THR A 206 -18.08 21.84 -12.52
C THR A 206 -17.93 23.22 -11.85
N ALA A 207 -19.02 23.98 -11.81
CA ALA A 207 -19.00 25.30 -11.17
C ALA A 207 -18.72 25.17 -9.68
N LYS A 208 -19.29 24.14 -9.06
CA LYS A 208 -19.14 23.88 -7.63
C LYS A 208 -17.77 23.31 -7.32
N MET A 209 -17.25 22.49 -8.23
CA MET A 209 -15.94 21.87 -8.05
C MET A 209 -14.88 22.97 -8.00
N ARG A 210 -15.13 24.03 -8.76
CA ARG A 210 -14.24 25.17 -8.87
C ARG A 210 -14.50 26.30 -7.86
N ALA A 211 -15.57 26.20 -7.08
CA ALA A 211 -15.91 27.26 -6.14
C ALA A 211 -14.95 27.40 -4.95
N ASP A 212 -15.09 28.52 -4.24
CA ASP A 212 -14.23 28.81 -3.09
C ASP A 212 -14.52 27.89 -1.92
N ASN A 213 -15.80 27.68 -1.62
CA ASN A 213 -16.17 26.83 -0.51
C ASN A 213 -16.08 25.33 -0.78
N PHE A 214 -15.51 24.95 -1.91
CA PHE A 214 -15.36 23.53 -2.23
C PHE A 214 -14.14 23.07 -1.46
N PRO A 215 -14.34 22.18 -0.47
CA PRO A 215 -13.30 21.61 0.41
C PRO A 215 -12.16 20.90 -0.27
N THR A 216 -11.00 21.55 -0.33
CA THR A 216 -9.83 20.94 -0.97
C THR A 216 -8.56 21.18 -0.15
N ASP A 217 -8.74 21.46 1.13
CA ASP A 217 -7.60 21.74 1.99
C ASP A 217 -6.64 20.58 2.15
N ASN A 218 -7.18 19.37 2.23
CA ASN A 218 -6.33 18.19 2.41
C ASN A 218 -5.60 17.72 1.16
N PHE A 219 -6.26 17.80 0.02
CA PHE A 219 -5.63 17.37 -1.23
C PHE A 219 -4.95 18.52 -1.95
N GLY A 220 -5.43 19.74 -1.73
CA GLY A 220 -4.84 20.91 -2.38
C GLY A 220 -5.36 21.04 -3.80
N ALA A 221 -6.48 20.37 -4.07
CA ALA A 221 -7.14 20.37 -5.38
C ALA A 221 -8.32 19.42 -5.27
N ALA A 222 -9.21 19.47 -6.24
CA ALA A 222 -10.37 18.58 -6.23
C ALA A 222 -9.95 17.15 -6.54
N LEU A 223 -10.63 16.19 -5.91
CA LEU A 223 -10.36 14.78 -6.17
C LEU A 223 -11.64 14.18 -6.68
N GLY A 224 -12.72 14.39 -5.93
CA GLY A 224 -14.02 13.90 -6.35
C GLY A 224 -14.30 14.50 -7.72
N GLY A 225 -14.78 13.68 -8.64
CA GLY A 225 -15.06 14.15 -9.99
C GLY A 225 -13.83 14.57 -10.77
N SER A 226 -12.65 14.19 -10.28
CA SER A 226 -11.39 14.56 -10.94
C SER A 226 -10.27 13.56 -10.61
N LEU A 227 -9.02 14.06 -10.64
CA LEU A 227 -7.84 13.28 -10.32
C LEU A 227 -6.62 14.19 -10.07
N ILE A 228 -5.62 13.66 -9.39
CA ILE A 228 -4.41 14.41 -9.09
C ILE A 228 -3.19 13.55 -9.43
N PRO A 229 -2.55 13.81 -10.58
CA PRO A 229 -1.37 13.06 -11.04
C PRO A 229 -0.06 13.47 -10.36
N TRP A 230 -0.10 13.59 -9.04
CA TRP A 230 1.09 13.95 -8.29
C TRP A 230 0.91 13.51 -6.83
N ILE A 231 1.73 12.57 -6.39
CA ILE A 231 1.66 12.09 -5.02
C ILE A 231 3.01 12.20 -4.33
N ASP A 232 3.04 12.86 -3.17
CA ASP A 232 4.24 13.02 -2.38
C ASP A 232 5.13 14.15 -2.92
N LYS A 233 6.33 14.27 -2.36
CA LYS A 233 7.30 15.30 -2.73
C LYS A 233 8.06 15.05 -4.04
N LEU A 234 8.53 16.13 -4.65
CA LEU A 234 9.29 16.05 -5.88
C LEU A 234 10.77 15.79 -5.60
N LEU A 235 11.36 14.82 -6.29
CA LEU A 235 12.77 14.52 -6.11
C LEU A 235 13.52 15.12 -7.30
N PRO A 236 14.08 16.34 -7.11
CA PRO A 236 14.82 17.05 -8.16
C PRO A 236 15.78 16.16 -8.96
N GLU A 237 16.32 15.14 -8.30
CA GLU A 237 17.26 14.22 -8.93
C GLU A 237 16.78 13.52 -10.21
N THR A 238 15.57 12.95 -10.18
CA THR A 238 15.05 12.22 -11.34
C THR A 238 13.73 12.75 -11.92
N GLY A 239 13.14 13.72 -11.23
CA GLY A 239 11.88 14.28 -11.69
C GLY A 239 10.71 13.49 -11.15
N GLN A 240 10.99 12.32 -10.58
CA GLN A 240 9.96 11.47 -10.00
C GLN A 240 9.42 12.15 -8.76
N THR A 241 8.41 11.53 -8.17
CA THR A 241 7.80 12.01 -6.93
C THR A 241 8.30 10.95 -5.97
N LYS A 242 8.42 11.25 -4.69
CA LYS A 242 8.89 10.25 -3.75
C LYS A 242 8.12 8.94 -3.93
N GLU A 243 6.83 9.07 -4.23
CA GLU A 243 5.95 7.92 -4.44
C GLU A 243 6.41 7.09 -5.64
N GLU A 244 6.61 7.76 -6.77
CA GLU A 244 7.06 7.09 -7.99
C GLU A 244 8.45 6.44 -7.81
N TRP A 245 9.33 7.11 -7.10
CA TRP A 245 10.69 6.61 -6.85
C TRP A 245 10.70 5.28 -6.10
N LYS A 246 9.85 5.17 -5.09
CA LYS A 246 9.75 3.97 -4.27
C LYS A 246 9.51 2.73 -5.11
N GLY A 247 9.01 2.93 -6.33
CA GLY A 247 8.76 1.80 -7.20
C GLY A 247 10.07 1.09 -7.50
N TYR A 248 11.05 1.85 -7.99
CA TYR A 248 12.36 1.28 -8.31
C TYR A 248 13.11 0.86 -7.04
N ALA A 249 13.20 1.79 -6.10
CA ALA A 249 13.90 1.55 -4.84
C ALA A 249 13.37 0.37 -4.03
N GLU A 250 12.17 0.52 -3.48
CA GLU A 250 11.57 -0.52 -2.63
C GLU A 250 11.32 -1.90 -3.26
N THR A 251 10.96 -1.94 -4.53
CA THR A 251 10.70 -3.20 -5.21
C THR A 251 11.93 -4.10 -5.24
N ASN A 252 13.08 -3.49 -5.45
CA ASN A 252 14.32 -4.25 -5.53
C ASN A 252 14.85 -4.66 -4.16
N LYS A 253 14.80 -3.74 -3.20
CA LYS A 253 15.26 -4.05 -1.86
C LYS A 253 14.43 -5.20 -1.31
N ILE A 254 13.14 -5.21 -1.65
CA ILE A 254 12.24 -6.27 -1.19
C ILE A 254 12.59 -7.61 -1.85
N LEU A 255 13.00 -7.57 -3.11
CA LEU A 255 13.37 -8.79 -3.80
C LEU A 255 14.82 -9.19 -3.52
N GLY A 256 15.52 -8.34 -2.76
CA GLY A 256 16.91 -8.61 -2.46
C GLY A 256 17.66 -8.62 -3.76
N LEU A 257 17.65 -7.48 -4.46
CA LEU A 257 18.32 -7.35 -5.75
C LEU A 257 18.88 -5.95 -5.97
N SER A 258 19.25 -5.28 -4.88
CA SER A 258 19.78 -3.94 -4.96
C SER A 258 21.00 -3.85 -5.89
N ASP A 259 21.72 -4.96 -6.05
CA ASP A 259 22.90 -4.98 -6.92
C ASP A 259 22.51 -4.80 -8.39
N ASN A 260 21.73 -5.74 -8.92
CA ASN A 260 21.27 -5.64 -10.30
C ASN A 260 19.77 -5.37 -10.30
N PRO A 261 19.39 -4.10 -10.07
CA PRO A 261 18.00 -3.64 -10.01
C PRO A 261 17.21 -3.67 -11.31
N ILE A 262 16.00 -4.22 -11.21
CA ILE A 262 15.09 -4.31 -12.34
C ILE A 262 14.36 -2.97 -12.41
N PRO A 263 14.28 -2.38 -13.60
CA PRO A 263 13.59 -1.09 -13.75
C PRO A 263 12.08 -1.15 -13.55
N VAL A 264 11.59 -0.28 -12.66
CA VAL A 264 10.17 -0.16 -12.34
C VAL A 264 9.94 1.33 -12.26
N ASP A 265 9.08 1.86 -13.12
CA ASP A 265 8.85 3.30 -13.11
C ASP A 265 7.52 3.68 -13.76
N GLY A 266 7.06 4.90 -13.49
CA GLY A 266 5.80 5.32 -14.08
C GLY A 266 5.21 6.53 -13.39
N LEU A 267 3.89 6.66 -13.49
CA LEU A 267 3.19 7.80 -12.89
C LEU A 267 2.19 7.35 -11.84
N CYS A 268 2.27 7.98 -10.67
CA CYS A 268 1.37 7.66 -9.57
C CYS A 268 0.29 8.71 -9.48
N VAL A 269 -0.93 8.30 -9.79
CA VAL A 269 -2.08 9.19 -9.82
C VAL A 269 -3.16 8.87 -8.78
N ARG A 270 -3.61 9.93 -8.11
CA ARG A 270 -4.64 9.83 -7.09
C ARG A 270 -6.03 10.01 -7.69
N ILE A 271 -6.96 9.14 -7.33
CA ILE A 271 -8.32 9.24 -7.86
C ILE A 271 -9.33 9.08 -6.73
N GLY A 272 -10.60 9.24 -7.06
CA GLY A 272 -11.67 9.15 -6.09
C GLY A 272 -12.12 7.78 -5.62
N ALA A 273 -11.24 7.07 -4.91
CA ALA A 273 -11.56 5.76 -4.38
C ALA A 273 -11.21 5.81 -2.91
N LEU A 274 -11.92 5.07 -2.07
CA LEU A 274 -11.63 5.10 -0.64
C LEU A 274 -10.39 4.34 -0.18
N ARG A 275 -10.32 3.04 -0.43
CA ARG A 275 -9.15 2.28 0.03
C ARG A 275 -8.46 1.24 -0.85
N CYS A 276 -8.77 1.17 -2.14
CA CYS A 276 -8.06 0.22 -2.99
C CYS A 276 -7.22 0.92 -4.03
N HIS A 277 -5.97 0.51 -4.19
CA HIS A 277 -5.15 1.09 -5.23
C HIS A 277 -5.26 0.16 -6.41
N SER A 278 -5.34 0.74 -7.60
CA SER A 278 -5.41 -0.03 -8.83
C SER A 278 -4.22 0.39 -9.69
N GLN A 279 -3.67 -0.54 -10.46
CA GLN A 279 -2.50 -0.23 -11.28
C GLN A 279 -2.52 -0.90 -12.65
N ALA A 280 -2.18 -0.15 -13.68
CA ALA A 280 -2.13 -0.69 -15.04
C ALA A 280 -0.65 -0.88 -15.34
N PHE A 281 -0.30 -2.09 -15.79
CA PHE A 281 1.09 -2.39 -16.10
C PHE A 281 1.38 -2.80 -17.53
N THR A 282 2.54 -2.36 -18.01
CA THR A 282 3.04 -2.76 -19.30
C THR A 282 4.31 -3.45 -18.79
N ILE A 283 4.35 -4.78 -18.88
CA ILE A 283 5.50 -5.53 -18.39
C ILE A 283 6.35 -6.14 -19.49
N LYS A 284 7.61 -5.72 -19.52
CA LYS A 284 8.55 -6.24 -20.50
C LYS A 284 9.16 -7.55 -20.00
N LEU A 285 8.68 -8.67 -20.54
CA LEU A 285 9.19 -9.98 -20.19
C LEU A 285 10.50 -10.16 -20.95
N LYS A 286 11.46 -10.84 -20.34
CA LYS A 286 12.76 -11.04 -20.97
C LYS A 286 12.73 -12.12 -22.05
N LYS A 287 11.68 -12.93 -22.05
CA LYS A 287 11.52 -13.99 -23.03
C LYS A 287 10.04 -14.28 -23.32
N ASP A 288 9.70 -14.40 -24.61
CA ASP A 288 8.33 -14.64 -25.05
C ASP A 288 7.70 -15.97 -24.69
N LEU A 289 6.67 -15.92 -23.84
CA LEU A 289 5.94 -17.09 -23.39
C LEU A 289 4.48 -16.97 -23.79
N PRO A 290 3.77 -18.11 -23.89
CA PRO A 290 2.35 -18.06 -24.26
C PRO A 290 1.52 -17.53 -23.10
N LEU A 291 0.66 -16.56 -23.37
CA LEU A 291 -0.19 -15.96 -22.36
C LEU A 291 -0.70 -17.00 -21.36
N GLU A 292 -0.97 -18.21 -21.85
CA GLU A 292 -1.48 -19.27 -20.99
C GLU A 292 -0.52 -19.70 -19.87
N GLU A 293 0.76 -19.83 -20.21
CA GLU A 293 1.75 -20.24 -19.22
C GLU A 293 1.87 -19.12 -18.19
N ILE A 294 2.00 -17.90 -18.69
CA ILE A 294 2.14 -16.72 -17.84
C ILE A 294 1.08 -16.62 -16.76
N GLU A 295 -0.16 -16.96 -17.08
CA GLU A 295 -1.25 -16.88 -16.11
C GLU A 295 -1.05 -17.84 -14.93
N GLN A 296 -0.51 -19.01 -15.20
CA GLN A 296 -0.26 -19.99 -14.14
C GLN A 296 0.89 -19.50 -13.28
N ILE A 297 1.93 -18.98 -13.91
CA ILE A 297 3.10 -18.47 -13.19
C ILE A 297 2.66 -17.34 -12.24
N ILE A 298 1.64 -16.60 -12.66
CA ILE A 298 1.10 -15.51 -11.85
C ILE A 298 0.25 -16.07 -10.72
N ALA A 299 -0.73 -16.88 -11.10
CA ALA A 299 -1.69 -17.49 -10.18
C ALA A 299 -1.15 -18.42 -9.09
N SER A 300 -0.16 -19.23 -9.42
CA SER A 300 0.39 -20.18 -8.46
C SER A 300 1.28 -19.57 -7.37
N HIS A 301 1.82 -18.39 -7.62
CA HIS A 301 2.73 -17.74 -6.66
C HIS A 301 2.23 -17.64 -5.21
N ASN A 302 1.01 -17.19 -5.00
CA ASN A 302 0.51 -17.10 -3.63
C ASN A 302 -0.98 -17.35 -3.59
N GLU A 303 -1.51 -17.55 -2.39
CA GLU A 303 -2.94 -17.84 -2.21
C GLU A 303 -3.86 -16.62 -2.27
N TRP A 304 -3.29 -15.45 -2.47
CA TRP A 304 -4.12 -14.26 -2.52
C TRP A 304 -4.35 -13.74 -3.93
N VAL A 305 -3.27 -13.57 -4.69
CA VAL A 305 -3.39 -13.10 -6.06
C VAL A 305 -4.49 -13.93 -6.74
N LYS A 306 -5.35 -13.25 -7.49
CA LYS A 306 -6.44 -13.93 -8.18
C LYS A 306 -6.46 -13.53 -9.66
N VAL A 307 -6.32 -14.51 -10.54
CA VAL A 307 -6.32 -14.23 -11.97
C VAL A 307 -7.73 -14.18 -12.53
N ILE A 308 -8.11 -12.99 -12.98
CA ILE A 308 -9.43 -12.76 -13.54
C ILE A 308 -9.41 -12.93 -15.06
N PRO A 309 -10.14 -13.92 -15.58
CA PRO A 309 -10.16 -14.14 -17.03
C PRO A 309 -10.54 -12.85 -17.77
N ASN A 310 -9.98 -12.69 -18.96
CA ASN A 310 -10.23 -11.49 -19.77
C ASN A 310 -11.62 -11.45 -20.40
N ASP A 311 -12.64 -11.48 -19.54
CA ASP A 311 -14.03 -11.42 -19.97
C ASP A 311 -14.63 -10.15 -19.38
N LYS A 312 -15.62 -9.59 -20.06
CA LYS A 312 -16.27 -8.37 -19.58
C LYS A 312 -17.04 -8.48 -18.27
N GLU A 313 -18.12 -9.26 -18.25
CA GLU A 313 -18.93 -9.38 -17.03
C GLU A 313 -18.07 -9.76 -15.82
N ILE A 314 -17.12 -10.67 -16.03
CA ILE A 314 -16.24 -11.08 -14.95
C ILE A 314 -15.34 -9.93 -14.49
N THR A 315 -14.74 -9.20 -15.43
CA THR A 315 -13.86 -8.08 -15.07
C THR A 315 -14.63 -6.99 -14.34
N LEU A 316 -15.92 -6.84 -14.67
CA LEU A 316 -16.74 -5.82 -14.03
C LEU A 316 -17.20 -6.25 -12.63
N ARG A 317 -17.13 -7.55 -12.36
CA ARG A 317 -17.55 -8.07 -11.07
C ARG A 317 -16.39 -8.40 -10.12
N GLU A 318 -15.21 -8.64 -10.67
CA GLU A 318 -14.05 -9.03 -9.85
C GLU A 318 -12.86 -8.08 -9.73
N LEU A 319 -12.55 -7.39 -10.82
CA LEU A 319 -11.40 -6.49 -10.88
C LEU A 319 -11.72 -5.00 -10.64
N THR A 320 -12.24 -4.69 -9.45
CA THR A 320 -12.58 -3.32 -9.09
C THR A 320 -12.47 -3.03 -7.61
N PRO A 321 -12.32 -1.76 -7.25
CA PRO A 321 -12.22 -1.35 -5.84
C PRO A 321 -13.47 -1.80 -5.09
N ALA A 322 -14.63 -1.63 -5.73
CA ALA A 322 -15.90 -2.03 -5.12
C ALA A 322 -15.82 -3.50 -4.70
N LYS A 323 -15.13 -4.29 -5.52
CA LYS A 323 -14.99 -5.70 -5.25
C LYS A 323 -14.02 -6.08 -4.14
N VAL A 324 -12.77 -5.67 -4.26
CA VAL A 324 -11.77 -6.06 -3.27
C VAL A 324 -11.65 -5.24 -1.98
N THR A 325 -12.32 -4.10 -1.91
CA THR A 325 -12.24 -3.30 -0.70
C THR A 325 -12.49 -4.07 0.60
N GLY A 326 -11.54 -3.98 1.52
CA GLY A 326 -11.68 -4.65 2.80
C GLY A 326 -11.48 -6.15 2.78
N THR A 327 -10.99 -6.68 1.66
CA THR A 327 -10.72 -8.10 1.55
C THR A 327 -9.23 -8.29 1.29
N LEU A 328 -8.72 -9.48 1.57
CA LEU A 328 -7.32 -9.83 1.37
C LEU A 328 -7.03 -10.31 -0.05
N SER A 329 -8.06 -10.37 -0.88
CA SER A 329 -7.90 -10.83 -2.25
C SER A 329 -7.20 -9.80 -3.15
N VAL A 330 -6.27 -10.29 -3.97
CA VAL A 330 -5.52 -9.42 -4.86
C VAL A 330 -5.68 -9.82 -6.32
N PRO A 331 -6.81 -9.45 -6.94
CA PRO A 331 -7.07 -9.78 -8.34
C PRO A 331 -6.15 -9.12 -9.37
N VAL A 332 -5.86 -9.86 -10.43
CA VAL A 332 -5.05 -9.35 -11.53
C VAL A 332 -5.70 -9.87 -12.82
N GLY A 333 -5.98 -8.96 -13.75
CA GLY A 333 -6.63 -9.33 -14.98
C GLY A 333 -6.24 -8.51 -16.19
N ARG A 334 -7.04 -8.63 -17.25
CA ARG A 334 -6.79 -7.93 -18.51
C ARG A 334 -5.43 -8.35 -19.07
N LEU A 335 -5.03 -9.58 -18.79
CA LEU A 335 -3.74 -10.13 -19.25
C LEU A 335 -3.75 -10.46 -20.74
N ARG A 336 -2.73 -10.01 -21.46
CA ARG A 336 -2.61 -10.27 -22.89
C ARG A 336 -1.33 -9.65 -23.42
N LYS A 337 -0.97 -10.00 -24.65
CA LYS A 337 0.24 -9.46 -25.26
C LYS A 337 0.01 -8.07 -25.84
N LEU A 338 0.99 -7.19 -25.67
CA LEU A 338 0.92 -5.82 -26.16
C LEU A 338 1.59 -5.60 -27.53
N ALA A 339 0.88 -4.91 -28.42
CA ALA A 339 1.35 -4.61 -29.78
C ALA A 339 2.85 -4.40 -29.96
N MET A 340 3.54 -3.93 -28.94
CA MET A 340 4.99 -3.71 -29.05
C MET A 340 5.74 -5.03 -29.30
N GLY A 341 5.03 -6.14 -29.27
CA GLY A 341 5.67 -7.42 -29.48
C GLY A 341 5.22 -8.48 -28.48
N PRO A 342 5.62 -9.75 -28.69
CA PRO A 342 5.27 -10.88 -27.81
C PRO A 342 5.91 -10.86 -26.41
N GLU A 343 6.97 -10.08 -26.25
CA GLU A 343 7.62 -9.98 -24.95
C GLU A 343 6.97 -8.92 -24.07
N TYR A 344 5.91 -8.29 -24.59
CA TYR A 344 5.21 -7.25 -23.85
C TYR A 344 3.87 -7.72 -23.29
N LEU A 345 3.73 -7.61 -21.96
CA LEU A 345 2.52 -8.04 -21.26
C LEU A 345 1.72 -6.90 -20.65
N ALA A 346 0.40 -6.99 -20.78
CA ALA A 346 -0.52 -5.99 -20.22
C ALA A 346 -1.17 -6.62 -19.00
N ALA A 347 -1.28 -5.84 -17.93
CA ALA A 347 -1.88 -6.35 -16.71
C ALA A 347 -2.52 -5.22 -15.89
N PHE A 348 -3.63 -5.52 -15.24
CA PHE A 348 -4.32 -4.54 -14.40
C PHE A 348 -4.66 -5.20 -13.07
N THR A 349 -4.36 -4.54 -11.96
CA THR A 349 -4.67 -5.16 -10.69
C THR A 349 -5.34 -4.25 -9.68
N VAL A 350 -5.99 -4.87 -8.68
CA VAL A 350 -6.67 -4.13 -7.62
C VAL A 350 -6.35 -4.78 -6.28
N GLY A 351 -6.00 -3.95 -5.30
CA GLY A 351 -5.68 -4.45 -3.97
C GLY A 351 -6.03 -3.43 -2.89
N ASP A 352 -6.42 -3.91 -1.70
CA ASP A 352 -6.76 -3.00 -0.61
C ASP A 352 -5.49 -2.40 -0.01
N GLN A 353 -5.44 -1.08 0.02
CA GLN A 353 -4.27 -0.34 0.53
C GLN A 353 -4.01 -0.51 2.03
N LEU A 354 -5.08 -0.60 2.81
CA LEU A 354 -4.93 -0.74 4.25
C LEU A 354 -4.55 -2.12 4.72
N LEU A 355 -4.73 -3.12 3.86
CA LEU A 355 -4.39 -4.48 4.25
C LEU A 355 -3.04 -4.89 3.70
N TRP A 356 -2.99 -5.50 2.52
CA TRP A 356 -1.68 -5.87 1.97
C TRP A 356 -0.79 -4.65 1.75
N GLY A 357 -1.40 -3.47 1.66
CA GLY A 357 -0.63 -2.25 1.46
C GLY A 357 -0.19 -1.55 2.75
N ALA A 358 -0.57 -2.09 3.91
CA ALA A 358 -0.19 -1.46 5.17
C ALA A 358 -0.14 -2.41 6.38
N ALA A 359 -1.30 -2.78 6.89
CA ALA A 359 -1.40 -3.63 8.07
C ALA A 359 -1.00 -5.12 7.97
N GLU A 360 -1.37 -5.80 6.89
CA GLU A 360 -1.05 -7.21 6.78
C GLU A 360 0.41 -7.61 6.90
N PRO A 361 1.28 -7.01 6.07
CA PRO A 361 2.70 -7.37 6.14
C PRO A 361 3.25 -7.25 7.55
N VAL A 362 2.84 -6.19 8.25
CA VAL A 362 3.29 -5.95 9.61
C VAL A 362 2.79 -7.04 10.56
N ARG A 363 1.50 -7.36 10.46
CA ARG A 363 0.88 -8.39 11.28
C ARG A 363 1.55 -9.75 11.02
N ARG A 364 1.99 -9.95 9.78
CA ARG A 364 2.62 -11.19 9.36
C ARG A 364 4.03 -11.39 9.91
N ILE A 365 4.81 -10.32 9.96
CA ILE A 365 6.15 -10.46 10.47
C ILE A 365 6.09 -10.58 12.00
N LEU A 366 5.03 -10.05 12.60
CA LEU A 366 4.86 -10.13 14.04
C LEU A 366 4.56 -11.58 14.46
N LYS A 367 3.67 -12.22 13.72
CA LYS A 367 3.29 -13.61 13.99
C LYS A 367 4.57 -14.45 13.98
N GLN A 368 5.42 -14.18 13.01
CA GLN A 368 6.67 -14.92 12.87
C GLN A 368 7.63 -14.70 14.04
N LEU A 369 7.76 -13.44 14.45
CA LEU A 369 8.65 -13.07 15.55
C LEU A 369 8.30 -13.65 16.91
N VAL A 370 7.03 -13.96 17.14
CA VAL A 370 6.63 -14.51 18.43
C VAL A 370 6.34 -16.00 18.38
N ALA A 371 6.70 -16.65 17.27
CA ALA A 371 6.46 -18.08 17.17
C ALA A 371 7.51 -18.87 17.94
AS ART B . 3.99 4.92 2.37
O1 ART B . 2.54 4.96 1.52
O2 ART B . 4.38 6.37 3.14
O3 ART B . 5.19 4.45 1.27
O4 ART B . 3.85 3.70 3.54
AS ART C . 6.64 9.58 3.31
O1 ART C . 5.02 9.50 2.93
O2 ART C . 7.44 10.87 2.57
O3 ART C . 7.31 8.10 2.87
O4 ART C . 6.75 9.74 5.00
#